data_4NN3
#
_entry.id   4NN3
#
_cell.length_a   49.346
_cell.length_b   147.006
_cell.length_c   39.272
_cell.angle_alpha   90.000
_cell.angle_beta   90.000
_cell.angle_gamma   90.000
#
_symmetry.space_group_name_H-M   'P 21 21 2'
#
loop_
_entity.id
_entity.type
_entity.pdbx_description
1 polymer 'TRAP dicarboxylate transporter, DctP subunit'
2 non-polymer 'CHLORIDE ION'
3 non-polymer 'TRIETHYLENE GLYCOL'
4 non-polymer 'OROTIC ACID'
5 water water
#
_entity_poly.entity_id   1
_entity_poly.type   'polypeptide(L)'
_entity_poly.pdbx_seq_one_letter_code
;MKFFGRIVTVALALCMVMGGVISANAAKYEARIGHLESPLQPRHQGLEKVAKLVKERTNGEVEFKIFPSSQLGNQRQMNE
GVQFGTIEGTVSAAAFLGGFNPVVSIMDIPFLLPVDRAKAQELRQGKFGKALLKSFDSRGFKAIATWPNGRKNFTSNKPI
STIADYKGQSFRVMDSKILIEQFAAIGASAIALPFGELYTALQNGVVDGEENPLDTIQRMKFYEVQKYLVTSEHGAMEDY
VLFNPSYWESLPENYQKIIVDTFIEVMPGVEAHKEQAQKDALEVIKKAGVQVTPLQAADRAAMRELMYPKTKAAYLARAG
AQGQELIKLYEEEYARIVKAENLYFQGHHHHHHHHHH
;
_entity_poly.pdbx_strand_id   A
#
loop_
_chem_comp.id
_chem_comp.type
_chem_comp.name
_chem_comp.formula
CL non-polymer 'CHLORIDE ION' 'Cl -1'
ORO non-polymer 'OROTIC ACID' 'C5 H4 N2 O4'
PGE non-polymer 'TRIETHYLENE GLYCOL' 'C6 H14 O4'
#
# COMPACT_ATOMS: atom_id res chain seq x y z
N LYS A 28 -29.74 -1.20 7.50
CA LYS A 28 -30.30 -1.28 6.16
C LYS A 28 -29.23 -1.46 5.05
N TYR A 29 -28.09 -0.80 5.18
CA TYR A 29 -27.01 -0.96 4.22
C TYR A 29 -25.71 -1.41 4.88
N GLU A 30 -25.70 -2.62 5.46
CA GLU A 30 -24.49 -3.13 6.11
C GLU A 30 -23.43 -3.43 5.06
N ALA A 31 -22.19 -3.17 5.42
CA ALA A 31 -21.05 -3.52 4.58
C ALA A 31 -19.97 -4.19 5.41
N ARG A 32 -19.61 -5.40 5.03
CA ARG A 32 -18.42 -6.09 5.56
C ARG A 32 -17.22 -5.64 4.75
N ILE A 33 -16.25 -5.03 5.43
CA ILE A 33 -15.06 -4.51 4.78
C ILE A 33 -13.83 -5.19 5.40
N GLY A 34 -13.07 -5.89 4.56
CA GLY A 34 -11.91 -6.63 5.05
C GLY A 34 -10.59 -5.97 4.68
N HIS A 35 -9.56 -6.22 5.48
CA HIS A 35 -8.21 -5.81 5.10
C HIS A 35 -7.17 -6.71 5.80
N LEU A 36 -5.90 -6.49 5.50
CA LEU A 36 -4.84 -7.40 5.90
C LEU A 36 -4.18 -7.09 7.23
N GLU A 37 -4.29 -5.86 7.67
CA GLU A 37 -3.42 -5.35 8.73
C GLU A 37 -3.91 -5.65 10.15
N SER A 38 -3.00 -5.54 11.10
CA SER A 38 -3.35 -5.57 12.51
C SER A 38 -4.36 -4.46 12.82
N PRO A 39 -5.33 -4.72 13.69
CA PRO A 39 -6.30 -3.68 14.07
C PRO A 39 -5.67 -2.53 14.86
N LEU A 40 -4.44 -2.71 15.33
CA LEU A 40 -3.78 -1.67 16.11
C LEU A 40 -3.25 -0.55 15.22
N GLN A 41 -3.14 -0.79 13.92
CA GLN A 41 -2.44 0.15 13.06
C GLN A 41 -3.35 1.26 12.57
N PRO A 42 -2.78 2.31 12.00
CA PRO A 42 -3.59 3.51 11.72
C PRO A 42 -4.70 3.32 10.69
N ARG A 43 -4.51 2.50 9.66
CA ARG A 43 -5.58 2.24 8.71
C ARG A 43 -6.84 1.75 9.44
N HIS A 44 -6.69 0.71 10.25
CA HIS A 44 -7.85 0.12 10.90
C HIS A 44 -8.52 1.11 11.85
N GLN A 45 -7.74 1.83 12.62
CA GLN A 45 -8.26 2.83 13.53
C GLN A 45 -9.06 3.88 12.75
N GLY A 46 -8.53 4.31 11.61
CA GLY A 46 -9.21 5.26 10.76
C GLY A 46 -10.50 4.69 10.22
N LEU A 47 -10.51 3.43 9.79
CA LEU A 47 -11.72 2.78 9.29
C LEU A 47 -12.80 2.66 10.37
N GLU A 48 -12.40 2.40 11.61
CA GLU A 48 -13.33 2.38 12.73
C GLU A 48 -13.97 3.75 12.93
N LYS A 49 -13.15 4.81 12.81
CA LYS A 49 -13.64 6.18 12.95
C LYS A 49 -14.60 6.54 11.81
N VAL A 50 -14.20 6.23 10.59
CA VAL A 50 -15.11 6.35 9.44
C VAL A 50 -16.43 5.63 9.69
N ALA A 51 -16.38 4.38 10.14
CA ALA A 51 -17.62 3.61 10.36
C ALA A 51 -18.57 4.31 11.32
N LYS A 52 -18.02 4.81 12.40
CA LYS A 52 -18.81 5.43 13.44
C LYS A 52 -19.49 6.68 12.89
N LEU A 53 -18.71 7.52 12.19
CA LEU A 53 -19.24 8.77 11.67
C LEU A 53 -20.27 8.54 10.58
N VAL A 54 -20.03 7.55 9.70
CA VAL A 54 -20.96 7.25 8.63
C VAL A 54 -22.28 6.77 9.24
N LYS A 55 -22.22 5.92 10.27
CA LYS A 55 -23.45 5.40 10.84
C LYS A 55 -24.28 6.55 11.40
N GLU A 56 -23.64 7.48 12.12
CA GLU A 56 -24.36 8.62 12.67
C GLU A 56 -24.93 9.53 11.60
N ARG A 57 -24.15 9.80 10.54
CA ARG A 57 -24.53 10.76 9.51
C ARG A 57 -25.56 10.24 8.52
N THR A 58 -25.83 8.93 8.56
CA THR A 58 -26.80 8.32 7.65
C THR A 58 -27.99 7.75 8.43
N ASN A 59 -28.33 8.37 9.56
CA ASN A 59 -29.54 8.00 10.29
C ASN A 59 -29.50 6.55 10.74
N GLY A 60 -28.28 6.07 10.96
CA GLY A 60 -28.04 4.70 11.40
C GLY A 60 -28.15 3.65 10.31
N GLU A 61 -28.42 4.06 9.09
CA GLU A 61 -28.71 3.11 8.03
C GLU A 61 -27.49 2.45 7.39
N VAL A 62 -26.37 3.17 7.27
CA VAL A 62 -25.14 2.60 6.70
C VAL A 62 -24.23 2.16 7.83
N GLU A 63 -23.95 0.86 7.87
CA GLU A 63 -23.19 0.28 8.98
C GLU A 63 -22.00 -0.51 8.45
N PHE A 64 -20.79 0.01 8.63
CA PHE A 64 -19.60 -0.66 8.18
C PHE A 64 -19.10 -1.55 9.33
N LYS A 65 -18.75 -2.79 9.01
CA LYS A 65 -18.09 -3.69 9.94
C LYS A 65 -16.72 -4.02 9.36
N ILE A 66 -15.68 -3.78 10.15
CA ILE A 66 -14.31 -3.89 9.65
C ILE A 66 -13.62 -5.16 10.16
N PHE A 67 -13.06 -5.93 9.23
CA PHE A 67 -12.43 -7.22 9.55
C PHE A 67 -10.97 -7.17 9.19
N PRO A 68 -10.10 -7.08 10.20
CA PRO A 68 -8.66 -6.94 9.98
C PRO A 68 -7.96 -8.28 9.79
N SER A 69 -6.64 -8.27 9.70
CA SER A 69 -5.82 -9.45 9.92
C SER A 69 -6.08 -10.63 8.97
N SER A 70 -6.50 -10.35 7.74
CA SER A 70 -6.80 -11.41 6.76
C SER A 70 -7.91 -12.34 7.26
N GLN A 71 -8.72 -11.88 8.21
CA GLN A 71 -9.82 -12.71 8.72
C GLN A 71 -10.73 -13.20 7.60
N LEU A 72 -10.99 -12.35 6.60
CA LEU A 72 -11.89 -12.70 5.50
C LEU A 72 -11.16 -13.32 4.31
N GLY A 73 -9.86 -13.52 4.44
CA GLY A 73 -9.10 -14.07 3.33
C GLY A 73 -7.81 -13.30 3.14
N ASN A 74 -6.93 -13.87 2.32
CA ASN A 74 -5.77 -13.11 1.86
C ASN A 74 -6.25 -12.04 0.88
N GLN A 75 -5.35 -11.19 0.39
CA GLN A 75 -5.83 -10.03 -0.35
C GLN A 75 -6.42 -10.43 -1.67
N ARG A 76 -5.91 -11.47 -2.31
CA ARG A 76 -6.49 -11.91 -3.57
C ARG A 76 -7.91 -12.40 -3.34
N GLN A 77 -8.10 -13.16 -2.27
CA GLN A 77 -9.43 -13.66 -1.92
C GLN A 77 -10.38 -12.50 -1.57
N MET A 78 -9.92 -11.51 -0.85
CA MET A 78 -10.80 -10.39 -0.53
C MET A 78 -11.13 -9.58 -1.78
N ASN A 79 -10.16 -9.33 -2.64
CA ASN A 79 -10.38 -8.61 -3.88
C ASN A 79 -11.42 -9.32 -4.76
N GLU A 80 -11.32 -10.64 -4.90
N GLU A 80 -11.28 -10.65 -4.89
CA GLU A 80 -12.31 -11.39 -5.67
CA GLU A 80 -12.26 -11.46 -5.63
C GLU A 80 -13.66 -11.37 -4.96
C GLU A 80 -13.63 -11.37 -4.95
N GLY A 81 -13.61 -11.39 -3.63
CA GLY A 81 -14.83 -11.33 -2.84
C GLY A 81 -15.56 -10.02 -3.04
N VAL A 82 -14.84 -8.91 -3.14
CA VAL A 82 -15.48 -7.62 -3.38
C VAL A 82 -16.02 -7.57 -4.81
N GLN A 83 -15.24 -8.06 -5.78
CA GLN A 83 -15.72 -8.07 -7.16
C GLN A 83 -17.00 -8.88 -7.30
N PHE A 84 -17.03 -10.07 -6.69
CA PHE A 84 -18.20 -10.94 -6.76
C PHE A 84 -19.34 -10.49 -5.86
N GLY A 85 -19.02 -9.79 -4.78
CA GLY A 85 -20.01 -9.35 -3.86
C GLY A 85 -20.30 -10.27 -2.70
N THR A 86 -19.40 -11.21 -2.42
CA THR A 86 -19.48 -12.00 -1.21
C THR A 86 -19.10 -11.16 0.03
N ILE A 87 -18.33 -10.10 -0.20
CA ILE A 87 -18.10 -9.07 0.82
C ILE A 87 -18.30 -7.72 0.15
N GLU A 88 -18.58 -6.68 0.93
CA GLU A 88 -18.98 -5.43 0.33
C GLU A 88 -17.80 -4.50 0.03
N GLY A 89 -16.69 -4.68 0.72
CA GLY A 89 -15.56 -3.80 0.49
C GLY A 89 -14.23 -4.31 1.00
N THR A 90 -13.14 -3.68 0.54
CA THR A 90 -11.83 -3.94 1.05
C THR A 90 -11.02 -2.66 0.97
N VAL A 91 -10.05 -2.55 1.86
CA VAL A 91 -9.02 -1.52 1.73
C VAL A 91 -7.74 -2.25 1.43
N SER A 92 -7.29 -2.14 0.18
CA SER A 92 -6.12 -2.88 -0.33
C SER A 92 -4.98 -1.93 -0.69
N ALA A 93 -3.76 -2.34 -0.41
CA ALA A 93 -2.63 -1.67 -0.99
C ALA A 93 -2.71 -1.81 -2.51
N ALA A 94 -2.25 -0.78 -3.20
CA ALA A 94 -2.21 -0.76 -4.67
C ALA A 94 -1.39 -1.93 -5.22
N ALA A 95 -0.40 -2.38 -4.46
CA ALA A 95 0.51 -3.43 -4.89
C ALA A 95 -0.17 -4.77 -5.13
N PHE A 96 -1.35 -4.98 -4.58
CA PHE A 96 -2.11 -6.21 -4.81
C PHE A 96 -3.15 -6.08 -5.93
N LEU A 97 -3.29 -4.89 -6.52
CA LEU A 97 -4.45 -4.61 -7.39
C LEU A 97 -4.11 -4.62 -8.87
N GLY A 98 -2.86 -4.89 -9.22
CA GLY A 98 -2.44 -4.80 -10.61
C GLY A 98 -2.96 -5.91 -11.52
N GLY A 99 -3.35 -7.04 -10.97
CA GLY A 99 -4.03 -8.06 -11.77
C GLY A 99 -5.40 -7.60 -12.23
N PHE A 100 -6.20 -7.09 -11.29
CA PHE A 100 -7.53 -6.56 -11.60
C PHE A 100 -7.44 -5.24 -12.35
N ASN A 101 -6.39 -4.46 -12.11
CA ASN A 101 -6.28 -3.10 -12.65
C ASN A 101 -4.81 -2.74 -12.85
N PRO A 102 -4.25 -3.09 -13.99
CA PRO A 102 -2.83 -2.78 -14.25
C PRO A 102 -2.49 -1.31 -14.15
N VAL A 103 -3.45 -0.42 -14.38
CA VAL A 103 -3.17 1.01 -14.37
C VAL A 103 -2.69 1.50 -13.00
N VAL A 104 -3.22 0.93 -11.92
CA VAL A 104 -2.93 1.46 -10.58
C VAL A 104 -1.51 1.07 -10.12
N SER A 105 -0.87 0.14 -10.84
CA SER A 105 0.45 -0.35 -10.45
C SER A 105 1.52 0.72 -10.58
N ILE A 106 1.21 1.85 -11.19
CA ILE A 106 2.12 2.98 -11.23
C ILE A 106 2.57 3.33 -9.80
N MET A 107 1.71 3.09 -8.83
CA MET A 107 2.00 3.49 -7.45
C MET A 107 3.07 2.60 -6.79
N ASP A 108 3.40 1.51 -7.46
CA ASP A 108 4.45 0.61 -6.99
C ASP A 108 5.85 1.05 -7.42
N ILE A 109 5.93 1.94 -8.39
CA ILE A 109 7.24 2.37 -8.89
C ILE A 109 8.02 3.02 -7.75
N PRO A 110 9.23 2.54 -7.49
CA PRO A 110 10.01 3.10 -6.38
C PRO A 110 10.40 4.55 -6.67
N PHE A 111 10.45 5.34 -5.61
CA PHE A 111 10.84 6.75 -5.68
C PHE A 111 9.90 7.58 -6.53
N LEU A 112 8.67 7.14 -6.68
CA LEU A 112 7.70 7.90 -7.44
C LEU A 112 7.25 9.19 -6.75
N LEU A 113 6.83 9.06 -5.49
CA LEU A 113 6.28 10.20 -4.76
C LEU A 113 7.33 11.15 -4.25
N PRO A 114 6.98 12.43 -4.21
CA PRO A 114 7.88 13.39 -3.56
C PRO A 114 8.08 13.00 -2.11
N VAL A 115 9.22 13.35 -1.53
CA VAL A 115 9.44 13.12 -0.12
C VAL A 115 8.47 13.96 0.75
N ASP A 116 8.17 15.17 0.29
CA ASP A 116 7.24 16.05 1.01
C ASP A 116 5.82 15.47 1.01
N ARG A 117 5.29 15.18 2.21
CA ARG A 117 4.00 14.46 2.29
C ARG A 117 2.85 15.28 1.75
N ALA A 118 2.86 16.59 1.99
CA ALA A 118 1.80 17.44 1.53
C ALA A 118 1.78 17.49 0.00
N LYS A 119 2.95 17.55 -0.62
CA LYS A 119 3.03 17.56 -2.09
C LYS A 119 2.55 16.20 -2.64
N ALA A 120 2.91 15.12 -1.96
CA ALA A 120 2.42 13.79 -2.34
C ALA A 120 0.91 13.73 -2.26
N GLN A 121 0.35 14.34 -1.22
CA GLN A 121 -1.10 14.42 -1.10
C GLN A 121 -1.74 15.24 -2.23
N GLU A 122 -1.11 16.30 -2.69
CA GLU A 122 -1.63 17.06 -3.82
C GLU A 122 -1.74 16.16 -5.07
N LEU A 123 -0.78 15.24 -5.24
CA LEU A 123 -0.83 14.27 -6.32
C LEU A 123 -1.96 13.27 -6.06
N ARG A 124 -1.97 12.71 -4.85
CA ARG A 124 -2.88 11.61 -4.48
C ARG A 124 -4.35 12.03 -4.49
N GLN A 125 -4.62 13.28 -4.09
CA GLN A 125 -5.99 13.77 -3.98
C GLN A 125 -6.38 14.69 -5.12
N GLY A 126 -5.46 14.94 -6.05
CA GLY A 126 -5.75 15.82 -7.16
C GLY A 126 -6.13 15.05 -8.41
N LYS A 127 -5.95 15.68 -9.56
CA LYS A 127 -6.26 15.10 -10.87
C LYS A 127 -5.62 13.71 -11.09
N PHE A 128 -4.40 13.51 -10.62
CA PHE A 128 -3.70 12.23 -10.81
C PHE A 128 -4.38 11.11 -10.05
N GLY A 129 -4.52 11.25 -8.75
CA GLY A 129 -5.20 10.24 -7.95
C GLY A 129 -6.64 10.01 -8.41
N LYS A 130 -7.31 11.08 -8.81
CA LYS A 130 -8.70 10.99 -9.29
C LYS A 130 -8.77 10.07 -10.52
N ALA A 131 -7.79 10.17 -11.40
CA ALA A 131 -7.75 9.34 -12.59
C ALA A 131 -7.52 7.89 -12.18
N LEU A 132 -6.67 7.64 -11.20
CA LEU A 132 -6.50 6.27 -10.71
C LEU A 132 -7.81 5.72 -10.10
N LEU A 133 -8.50 6.49 -9.28
CA LEU A 133 -9.78 6.00 -8.75
C LEU A 133 -10.74 5.66 -9.90
N LYS A 134 -10.82 6.55 -10.88
CA LYS A 134 -11.76 6.35 -11.98
C LYS A 134 -11.44 5.09 -12.77
N SER A 135 -10.16 4.73 -12.85
CA SER A 135 -9.75 3.58 -13.67
C SER A 135 -10.37 2.27 -13.17
N PHE A 136 -10.83 2.22 -11.92
CA PHE A 136 -11.43 1.00 -11.39
C PHE A 136 -12.84 0.75 -11.91
N ASP A 137 -13.56 1.77 -12.37
CA ASP A 137 -14.98 1.61 -12.74
C ASP A 137 -15.20 0.50 -13.76
N SER A 138 -14.32 0.46 -14.74
CA SER A 138 -14.47 -0.46 -15.85
C SER A 138 -13.96 -1.87 -15.50
N ARG A 139 -13.52 -2.04 -14.26
CA ARG A 139 -12.87 -3.27 -13.80
C ARG A 139 -13.60 -3.97 -12.66
N GLY A 140 -14.79 -3.46 -12.33
CA GLY A 140 -15.69 -4.15 -11.44
C GLY A 140 -15.54 -3.80 -9.97
N PHE A 141 -14.92 -2.66 -9.70
CA PHE A 141 -14.82 -2.10 -8.35
C PHE A 141 -15.20 -0.65 -8.40
N LYS A 142 -15.74 -0.16 -7.30
CA LYS A 142 -15.92 1.27 -7.14
C LYS A 142 -14.86 1.72 -6.15
N ALA A 143 -13.89 2.48 -6.65
CA ALA A 143 -12.80 3.00 -5.81
C ALA A 143 -13.13 4.41 -5.40
N ILE A 144 -13.44 4.60 -4.12
CA ILE A 144 -14.02 5.86 -3.69
C ILE A 144 -13.06 6.83 -3.04
N ALA A 145 -11.89 6.33 -2.62
CA ALA A 145 -10.85 7.14 -1.99
C ALA A 145 -9.56 6.39 -2.02
N THR A 146 -8.47 7.15 -1.90
CA THR A 146 -7.16 6.59 -1.64
C THR A 146 -6.52 7.35 -0.50
N TRP A 147 -5.91 6.60 0.41
CA TRP A 147 -5.20 7.15 1.58
C TRP A 147 -3.73 6.81 1.51
N PRO A 148 -2.86 7.71 1.97
CA PRO A 148 -1.47 7.27 2.19
C PRO A 148 -1.50 6.16 3.23
N ASN A 149 -0.52 5.27 3.18
CA ASN A 149 -0.38 4.25 4.21
C ASN A 149 1.08 3.86 4.42
N GLY A 150 1.93 4.89 4.51
CA GLY A 150 3.35 4.68 4.80
C GLY A 150 4.26 4.49 3.61
N ARG A 151 5.56 4.50 3.91
CA ARG A 151 6.56 4.18 2.91
C ARG A 151 7.39 3.01 3.38
N LYS A 152 7.88 2.23 2.43
CA LYS A 152 8.51 0.94 2.69
C LYS A 152 9.99 1.04 2.97
N ASN A 153 10.46 0.10 3.79
CA ASN A 153 11.88 -0.01 4.18
C ASN A 153 12.36 -1.44 3.99
N PHE A 154 13.60 -1.61 3.56
CA PHE A 154 14.17 -2.96 3.41
C PHE A 154 14.50 -3.60 4.76
N THR A 155 14.20 -4.90 4.89
CA THR A 155 14.75 -5.70 5.96
C THR A 155 15.32 -6.99 5.38
N SER A 156 16.28 -7.57 6.10
CA SER A 156 16.85 -8.86 5.69
C SER A 156 17.55 -9.57 6.82
N ASN A 157 17.82 -10.86 6.59
CA ASN A 157 18.65 -11.65 7.51
C ASN A 157 20.11 -11.69 7.06
N LYS A 158 20.40 -11.04 5.93
CA LYS A 158 21.78 -10.85 5.48
C LYS A 158 22.04 -9.36 5.40
N PRO A 159 23.28 -8.98 5.66
CA PRO A 159 23.58 -7.54 5.57
C PRO A 159 23.09 -6.87 4.28
N ILE A 160 22.58 -5.65 4.40
CA ILE A 160 22.07 -4.88 3.26
C ILE A 160 22.53 -3.42 3.38
N SER A 161 23.75 -3.23 3.86
CA SER A 161 24.30 -1.90 4.14
C SER A 161 24.70 -1.15 2.88
N THR A 162 25.08 -1.89 1.84
CA THR A 162 25.49 -1.27 0.59
C THR A 162 24.67 -1.86 -0.56
N ILE A 163 24.62 -1.15 -1.68
CA ILE A 163 23.81 -1.64 -2.78
C ILE A 163 24.34 -2.99 -3.30
N ALA A 164 25.64 -3.20 -3.25
CA ALA A 164 26.23 -4.46 -3.70
C ALA A 164 25.74 -5.64 -2.83
N ASP A 165 25.43 -5.37 -1.57
CA ASP A 165 25.01 -6.43 -0.65
C ASP A 165 23.70 -7.10 -1.12
N TYR A 166 22.86 -6.39 -1.85
CA TYR A 166 21.53 -6.90 -2.24
C TYR A 166 21.61 -7.97 -3.34
N LYS A 167 22.69 -7.97 -4.11
CA LYS A 167 22.85 -8.90 -5.21
C LYS A 167 22.76 -10.33 -4.72
N GLY A 168 21.86 -11.09 -5.34
CA GLY A 168 21.69 -12.48 -5.02
C GLY A 168 20.78 -12.77 -3.84
N GLN A 169 20.38 -11.73 -3.11
CA GLN A 169 19.38 -11.94 -2.05
C GLN A 169 17.97 -12.10 -2.60
N SER A 170 17.12 -12.72 -1.79
CA SER A 170 15.73 -12.92 -2.16
C SER A 170 14.84 -12.16 -1.21
N PHE A 171 13.82 -11.55 -1.77
CA PHE A 171 12.85 -10.76 -1.01
C PHE A 171 11.43 -11.17 -1.31
N ARG A 172 10.63 -11.24 -0.27
CA ARG A 172 9.19 -11.34 -0.48
C ARG A 172 8.65 -9.98 -0.89
N VAL A 173 7.75 -10.03 -1.87
CA VAL A 173 6.92 -8.85 -2.22
C VAL A 173 5.43 -9.11 -2.13
N MET A 174 4.67 -8.04 -2.04
CA MET A 174 3.25 -8.06 -2.33
C MET A 174 3.09 -8.49 -3.80
N ASP A 175 1.87 -8.80 -4.20
CA ASP A 175 1.61 -9.48 -5.45
C ASP A 175 1.65 -8.55 -6.66
N SER A 176 2.83 -8.07 -6.99
CA SER A 176 3.04 -7.08 -8.02
C SER A 176 4.24 -7.41 -8.90
N LYS A 177 4.03 -7.42 -10.22
CA LYS A 177 5.12 -7.64 -11.18
C LYS A 177 6.08 -6.45 -11.16
N ILE A 178 5.58 -5.26 -10.80
CA ILE A 178 6.42 -4.10 -10.74
C ILE A 178 7.46 -4.27 -9.61
N LEU A 179 7.01 -4.81 -8.47
CA LEU A 179 7.89 -4.98 -7.32
C LEU A 179 8.90 -6.08 -7.59
N ILE A 180 8.54 -7.10 -8.37
CA ILE A 180 9.53 -8.10 -8.73
C ILE A 180 10.65 -7.43 -9.53
N GLU A 181 10.31 -6.58 -10.49
CA GLU A 181 11.30 -5.84 -11.27
C GLU A 181 12.15 -4.87 -10.46
N GLN A 182 11.56 -4.28 -9.43
CA GLN A 182 12.27 -3.40 -8.52
C GLN A 182 13.52 -4.10 -7.99
N PHE A 183 13.33 -5.30 -7.47
CA PHE A 183 14.42 -6.06 -6.89
C PHE A 183 15.35 -6.62 -7.96
N ALA A 184 14.78 -7.03 -9.09
CA ALA A 184 15.62 -7.49 -10.19
C ALA A 184 16.63 -6.43 -10.65
N ALA A 185 16.22 -5.17 -10.61
CA ALA A 185 17.03 -4.07 -11.09
C ALA A 185 18.34 -3.94 -10.31
N ILE A 186 18.35 -4.40 -9.07
CA ILE A 186 19.58 -4.40 -8.27
C ILE A 186 20.15 -5.80 -8.03
N GLY A 187 19.77 -6.75 -8.89
CA GLY A 187 20.33 -8.08 -8.86
C GLY A 187 19.80 -9.02 -7.78
N ALA A 188 18.71 -8.62 -7.12
CA ALA A 188 18.02 -9.46 -6.15
C ALA A 188 16.79 -10.15 -6.74
N SER A 189 16.40 -11.25 -6.14
CA SER A 189 15.20 -11.96 -6.58
C SER A 189 14.03 -11.61 -5.69
N ALA A 190 12.82 -11.85 -6.18
CA ALA A 190 11.64 -11.55 -5.40
C ALA A 190 10.55 -12.51 -5.79
N ILE A 191 9.76 -12.91 -4.80
CA ILE A 191 8.60 -13.74 -5.03
C ILE A 191 7.44 -13.24 -4.16
N ALA A 192 6.24 -13.38 -4.70
CA ALA A 192 5.03 -12.93 -4.03
C ALA A 192 4.55 -14.00 -3.06
N LEU A 193 4.41 -13.63 -1.79
CA LEU A 193 3.90 -14.50 -0.74
C LEU A 193 2.78 -13.72 -0.04
N PRO A 194 1.71 -14.42 0.37
CA PRO A 194 0.66 -13.72 1.11
C PRO A 194 1.15 -13.12 2.44
N PHE A 195 0.63 -11.96 2.80
CA PHE A 195 1.02 -11.27 4.02
C PHE A 195 0.91 -12.12 5.28
N GLY A 196 -0.16 -12.87 5.41
CA GLY A 196 -0.36 -13.67 6.60
C GLY A 196 0.65 -14.78 6.76
N GLU A 197 1.35 -15.14 5.69
CA GLU A 197 2.38 -16.16 5.75
C GLU A 197 3.78 -15.56 5.90
N LEU A 198 3.87 -14.24 5.90
CA LEU A 198 5.19 -13.59 5.81
C LEU A 198 6.09 -13.85 7.04
N TYR A 199 5.53 -13.76 8.24
CA TYR A 199 6.31 -14.01 9.45
C TYR A 199 6.97 -15.39 9.37
N THR A 200 6.20 -16.41 9.01
CA THR A 200 6.70 -17.78 8.96
C THR A 200 7.74 -17.91 7.84
N ALA A 201 7.50 -17.25 6.71
CA ALA A 201 8.44 -17.29 5.60
C ALA A 201 9.82 -16.74 6.02
N LEU A 202 9.81 -15.64 6.74
CA LEU A 202 11.03 -15.02 7.20
C LEU A 202 11.73 -15.90 8.25
N GLN A 203 10.93 -16.42 9.18
CA GLN A 203 11.42 -17.27 10.24
C GLN A 203 12.18 -18.47 9.66
N ASN A 204 11.64 -19.03 8.58
CA ASN A 204 12.11 -20.31 8.02
C ASN A 204 13.02 -20.16 6.81
N GLY A 205 13.40 -18.91 6.52
CA GLY A 205 14.33 -18.63 5.44
C GLY A 205 13.81 -18.86 4.05
N VAL A 206 12.49 -18.75 3.88
CA VAL A 206 11.88 -18.90 2.57
C VAL A 206 12.45 -17.82 1.65
N VAL A 207 12.64 -16.62 2.21
CA VAL A 207 13.32 -15.52 1.55
C VAL A 207 14.26 -14.92 2.59
N ASP A 208 15.25 -14.15 2.15
CA ASP A 208 16.13 -13.40 3.04
C ASP A 208 15.42 -12.23 3.70
N GLY A 209 14.63 -11.51 2.91
CA GLY A 209 14.12 -10.22 3.34
C GLY A 209 12.74 -9.85 2.84
N GLU A 210 12.35 -8.63 3.13
CA GLU A 210 11.04 -8.12 2.73
C GLU A 210 11.10 -6.58 2.78
N GLU A 211 9.99 -5.91 2.51
CA GLU A 211 9.93 -4.45 2.55
C GLU A 211 8.60 -4.02 3.12
N ASN A 212 8.59 -3.04 4.01
CA ASN A 212 7.36 -2.61 4.66
C ASN A 212 7.62 -1.35 5.48
N PRO A 213 6.55 -0.64 5.82
CA PRO A 213 6.69 0.49 6.75
C PRO A 213 7.15 -0.03 8.12
N LEU A 214 7.84 0.81 8.88
CA LEU A 214 8.36 0.40 10.19
C LEU A 214 7.25 -0.10 11.13
N ASP A 215 6.09 0.54 11.15
CA ASP A 215 5.07 0.12 12.13
C ASP A 215 4.44 -1.23 11.74
N THR A 216 4.41 -1.54 10.45
CA THR A 216 4.04 -2.89 10.02
C THR A 216 5.08 -3.92 10.48
N ILE A 217 6.36 -3.64 10.25
CA ILE A 217 7.45 -4.49 10.76
C ILE A 217 7.31 -4.73 12.28
N GLN A 218 6.97 -3.68 13.02
CA GLN A 218 6.72 -3.79 14.45
C GLN A 218 5.49 -4.63 14.82
N ARG A 219 4.33 -4.27 14.30
CA ARG A 219 3.10 -4.96 14.68
C ARG A 219 3.06 -6.44 14.26
N MET A 220 3.71 -6.74 13.13
CA MET A 220 3.79 -8.12 12.65
C MET A 220 4.99 -8.84 13.27
N LYS A 221 5.75 -8.14 14.10
CA LYS A 221 6.86 -8.75 14.84
C LYS A 221 7.94 -9.31 13.91
N PHE A 222 8.13 -8.68 12.77
CA PHE A 222 9.17 -9.10 11.83
C PHE A 222 10.56 -8.87 12.41
N TYR A 223 10.66 -8.05 13.47
CA TYR A 223 11.94 -7.89 14.19
C TYR A 223 12.30 -9.18 14.94
N GLU A 224 11.36 -10.10 15.11
CA GLU A 224 11.74 -11.38 15.73
C GLU A 224 12.47 -12.29 14.73
N VAL A 225 12.40 -11.94 13.45
CA VAL A 225 12.87 -12.80 12.36
C VAL A 225 13.63 -12.07 11.24
N GLN A 226 14.11 -10.86 11.51
CA GLN A 226 14.96 -10.13 10.58
C GLN A 226 16.01 -9.42 11.41
N LYS A 227 17.26 -9.57 11.00
CA LYS A 227 18.41 -9.04 11.76
C LYS A 227 18.77 -7.62 11.34
N TYR A 228 18.43 -7.23 10.11
CA TYR A 228 18.87 -5.94 9.55
C TYR A 228 17.73 -5.15 8.98
N LEU A 229 17.81 -3.84 9.13
CA LEU A 229 16.80 -2.93 8.59
C LEU A 229 17.51 -1.70 8.02
N VAL A 230 17.07 -1.26 6.85
CA VAL A 230 17.53 -0.06 6.20
C VAL A 230 16.37 0.90 6.08
N THR A 231 16.50 2.06 6.73
CA THR A 231 15.52 3.10 6.62
C THR A 231 15.80 3.68 5.24
N SER A 232 14.85 3.45 4.35
CA SER A 232 14.95 3.80 2.94
C SER A 232 13.75 4.58 2.40
N GLU A 233 12.55 4.21 2.82
CA GLU A 233 11.34 4.83 2.29
C GLU A 233 11.36 4.88 0.75
N HIS A 234 11.75 3.76 0.15
CA HIS A 234 12.03 3.71 -1.29
C HIS A 234 10.81 3.52 -2.17
N GLY A 235 9.68 3.16 -1.56
CA GLY A 235 8.45 3.00 -2.30
C GLY A 235 7.26 3.22 -1.40
N ALA A 236 6.12 3.44 -2.02
CA ALA A 236 4.91 3.81 -1.29
C ALA A 236 4.00 2.62 -1.05
N MET A 237 3.40 2.60 0.14
CA MET A 237 2.28 1.71 0.47
C MET A 237 1.02 2.58 0.38
N GLU A 238 0.23 2.32 -0.65
CA GLU A 238 -0.87 3.21 -1.03
C GLU A 238 -2.21 2.48 -0.90
N ASP A 239 -3.09 2.98 -0.04
CA ASP A 239 -4.36 2.30 0.23
C ASP A 239 -5.47 2.75 -0.72
N TYR A 240 -6.22 1.78 -1.24
CA TYR A 240 -7.38 2.03 -2.10
C TYR A 240 -8.63 1.48 -1.42
N VAL A 241 -9.63 2.34 -1.25
CA VAL A 241 -10.91 1.97 -0.62
C VAL A 241 -11.87 1.52 -1.74
N LEU A 242 -12.13 0.21 -1.79
CA LEU A 242 -12.90 -0.42 -2.86
C LEU A 242 -14.19 -1.01 -2.35
N PHE A 243 -15.28 -0.67 -3.03
CA PHE A 243 -16.59 -1.24 -2.72
C PHE A 243 -17.08 -2.07 -3.89
N ASN A 244 -17.89 -3.08 -3.57
CA ASN A 244 -18.62 -3.81 -4.58
C ASN A 244 -19.58 -2.86 -5.28
N PRO A 245 -19.57 -2.86 -6.62
CA PRO A 245 -20.35 -1.80 -7.28
C PRO A 245 -21.85 -1.86 -7.02
N SER A 246 -22.40 -3.06 -6.95
CA SER A 246 -23.82 -3.17 -6.68
C SER A 246 -24.17 -2.62 -5.31
N TYR A 247 -23.33 -2.90 -4.29
CA TYR A 247 -23.54 -2.31 -2.98
C TYR A 247 -23.49 -0.79 -3.07
N TRP A 248 -22.44 -0.26 -3.70
CA TRP A 248 -22.32 1.18 -3.82
C TRP A 248 -23.55 1.79 -4.48
N GLU A 249 -23.98 1.17 -5.57
CA GLU A 249 -25.13 1.69 -6.33
C GLU A 249 -26.46 1.62 -5.60
N SER A 250 -26.55 0.73 -4.61
CA SER A 250 -27.75 0.58 -3.82
C SER A 250 -27.94 1.73 -2.83
N LEU A 251 -26.90 2.52 -2.61
CA LEU A 251 -26.91 3.61 -1.63
C LEU A 251 -27.52 4.86 -2.25
N PRO A 252 -28.42 5.52 -1.52
CA PRO A 252 -28.86 6.86 -1.96
C PRO A 252 -27.67 7.79 -2.20
N GLU A 253 -27.78 8.65 -3.21
CA GLU A 253 -26.72 9.60 -3.54
C GLU A 253 -26.23 10.39 -2.33
N ASN A 254 -27.13 10.79 -1.44
CA ASN A 254 -26.69 11.66 -0.35
C ASN A 254 -25.76 10.89 0.58
N TYR A 255 -26.04 9.59 0.74
CA TYR A 255 -25.19 8.70 1.54
C TYR A 255 -23.86 8.44 0.85
N GLN A 256 -23.87 8.25 -0.47
CA GLN A 256 -22.63 8.14 -1.21
C GLN A 256 -21.75 9.33 -0.93
N LYS A 257 -22.31 10.53 -0.98
CA LYS A 257 -21.52 11.75 -0.75
C LYS A 257 -20.99 11.80 0.69
N ILE A 258 -21.84 11.47 1.65
CA ILE A 258 -21.44 11.44 3.04
C ILE A 258 -20.28 10.48 3.26
N ILE A 259 -20.31 9.32 2.63
CA ILE A 259 -19.26 8.33 2.83
C ILE A 259 -17.94 8.87 2.28
N VAL A 260 -17.95 9.39 1.06
CA VAL A 260 -16.74 9.92 0.46
C VAL A 260 -16.18 11.05 1.31
N ASP A 261 -17.02 12.01 1.68
CA ASP A 261 -16.56 13.12 2.48
C ASP A 261 -16.01 12.67 3.82
N THR A 262 -16.59 11.65 4.42
CA THR A 262 -16.13 11.15 5.71
C THR A 262 -14.76 10.50 5.57
N PHE A 263 -14.54 9.70 4.52
CA PHE A 263 -13.19 9.17 4.28
C PHE A 263 -12.14 10.28 4.16
N ILE A 264 -12.48 11.35 3.47
CA ILE A 264 -11.56 12.47 3.28
C ILE A 264 -11.35 13.23 4.60
N GLU A 265 -12.40 13.33 5.42
CA GLU A 265 -12.34 14.03 6.71
C GLU A 265 -11.39 13.32 7.70
N VAL A 266 -11.45 12.00 7.72
CA VAL A 266 -10.70 11.20 8.68
C VAL A 266 -9.25 11.06 8.23
N MET A 267 -9.01 11.25 6.95
CA MET A 267 -7.67 11.01 6.36
C MET A 267 -6.48 11.71 7.03
N PRO A 268 -6.58 13.03 7.30
CA PRO A 268 -5.40 13.72 7.86
C PRO A 268 -4.98 13.18 9.22
N GLY A 269 -5.93 12.77 10.02
CA GLY A 269 -5.62 12.18 11.30
C GLY A 269 -4.94 10.81 11.13
N VAL A 270 -5.40 10.03 10.16
CA VAL A 270 -4.80 8.73 9.89
C VAL A 270 -3.33 8.94 9.48
N GLU A 271 -3.08 9.87 8.58
CA GLU A 271 -1.70 10.10 8.12
C GLU A 271 -0.77 10.52 9.26
N ALA A 272 -1.24 11.38 10.16
CA ALA A 272 -0.43 11.81 11.28
C ALA A 272 -0.19 10.64 12.22
N HIS A 273 -1.21 9.82 12.46
CA HIS A 273 -1.04 8.64 13.30
C HIS A 273 0.01 7.70 12.66
N LYS A 274 -0.02 7.57 11.35
CA LYS A 274 0.90 6.67 10.62
C LYS A 274 2.33 7.21 10.66
N GLU A 275 2.50 8.52 10.41
CA GLU A 275 3.83 9.13 10.49
C GLU A 275 4.41 8.96 11.90
N GLN A 276 3.61 9.20 12.94
CA GLN A 276 4.12 9.09 14.31
C GLN A 276 4.42 7.64 14.66
N ALA A 277 3.60 6.71 14.17
CA ALA A 277 3.82 5.30 14.44
C ALA A 277 5.19 4.82 13.92
N GLN A 278 5.72 5.42 12.85
CA GLN A 278 7.05 5.01 12.37
C GLN A 278 8.13 5.35 13.38
N LYS A 279 8.00 6.51 14.01
CA LYS A 279 8.94 6.90 15.04
C LYS A 279 8.88 5.96 16.23
N ASP A 280 7.68 5.65 16.69
CA ASP A 280 7.51 4.76 17.83
C ASP A 280 8.07 3.38 17.49
N ALA A 281 7.78 2.91 16.27
CA ALA A 281 8.19 1.59 15.83
C ALA A 281 9.70 1.47 15.77
N LEU A 282 10.38 2.52 15.31
CA LEU A 282 11.82 2.45 15.17
C LEU A 282 12.47 2.21 16.52
N GLU A 283 11.93 2.83 17.57
CA GLU A 283 12.50 2.67 18.90
C GLU A 283 12.40 1.21 19.36
N VAL A 284 11.25 0.59 19.08
CA VAL A 284 10.98 -0.78 19.50
C VAL A 284 11.85 -1.76 18.73
N ILE A 285 11.99 -1.51 17.43
CA ILE A 285 12.83 -2.33 16.55
C ILE A 285 14.30 -2.28 16.97
N LYS A 286 14.81 -1.09 17.27
CA LYS A 286 16.18 -0.96 17.74
C LYS A 286 16.36 -1.66 19.08
N LYS A 287 15.39 -1.52 19.98
CA LYS A 287 15.52 -2.14 21.29
C LYS A 287 15.51 -3.66 21.20
N ALA A 288 14.83 -4.19 20.18
CA ALA A 288 14.73 -5.62 20.00
C ALA A 288 16.01 -6.20 19.39
N GLY A 289 16.98 -5.33 19.08
CA GLY A 289 18.28 -5.79 18.65
C GLY A 289 18.50 -5.84 17.13
N VAL A 290 17.56 -5.32 16.36
CA VAL A 290 17.75 -5.20 14.92
C VAL A 290 18.82 -4.16 14.62
N GLN A 291 19.74 -4.49 13.70
N GLN A 291 19.67 -4.44 13.63
CA GLN A 291 20.71 -3.50 13.22
CA GLN A 291 20.75 -3.53 13.26
C GLN A 291 20.08 -2.61 12.17
C GLN A 291 20.31 -2.59 12.11
N VAL A 292 20.05 -1.33 12.48
CA VAL A 292 19.37 -0.34 11.62
C VAL A 292 20.34 0.69 11.05
N THR A 293 20.29 0.86 9.74
CA THR A 293 21.12 1.81 9.04
C THR A 293 20.31 2.61 8.06
N PRO A 294 20.72 3.85 7.84
CA PRO A 294 20.09 4.61 6.77
C PRO A 294 20.64 4.22 5.40
N LEU A 295 19.83 4.36 4.38
CA LEU A 295 20.23 4.19 3.00
C LEU A 295 21.19 5.31 2.63
N GLN A 296 22.38 4.94 2.19
CA GLN A 296 23.42 5.93 1.81
C GLN A 296 22.95 6.70 0.58
N ALA A 297 23.29 7.97 0.51
CA ALA A 297 22.78 8.85 -0.56
C ALA A 297 23.15 8.35 -1.95
N ALA A 298 24.40 7.88 -2.10
CA ALA A 298 24.84 7.37 -3.39
C ALA A 298 24.11 6.06 -3.75
N ASP A 299 23.81 5.24 -2.74
CA ASP A 299 23.03 4.02 -2.95
C ASP A 299 21.58 4.37 -3.33
N ARG A 300 21.01 5.40 -2.69
CA ARG A 300 19.66 5.84 -3.02
C ARG A 300 19.59 6.27 -4.49
N ALA A 301 20.55 7.09 -4.92
CA ALA A 301 20.55 7.57 -6.30
C ALA A 301 20.76 6.42 -7.28
N ALA A 302 21.68 5.52 -6.97
CA ALA A 302 21.96 4.39 -7.84
C ALA A 302 20.73 3.49 -7.95
N MET A 303 20.07 3.21 -6.82
CA MET A 303 18.83 2.40 -6.87
C MET A 303 17.80 3.04 -7.76
N ARG A 304 17.56 4.34 -7.57
CA ARG A 304 16.54 5.03 -8.35
C ARG A 304 16.83 4.95 -9.84
N GLU A 305 18.08 5.16 -10.22
CA GLU A 305 18.45 5.20 -11.63
C GLU A 305 18.34 3.82 -12.28
N LEU A 306 18.62 2.78 -11.50
CA LEU A 306 18.50 1.41 -12.00
C LEU A 306 17.05 0.95 -12.00
N MET A 307 16.32 1.28 -10.94
CA MET A 307 14.96 0.77 -10.76
C MET A 307 13.93 1.45 -11.64
N TYR A 308 14.08 2.75 -11.90
CA TYR A 308 13.04 3.45 -12.67
C TYR A 308 12.80 2.85 -14.07
N PRO A 309 13.84 2.70 -14.88
CA PRO A 309 13.61 2.20 -16.24
C PRO A 309 12.95 0.83 -16.26
N LYS A 310 13.37 -0.06 -15.35
CA LYS A 310 12.89 -1.43 -15.35
C LYS A 310 11.46 -1.53 -14.83
N THR A 311 11.16 -0.76 -13.79
CA THR A 311 9.83 -0.77 -13.20
C THR A 311 8.84 -0.02 -14.09
N LYS A 312 9.27 1.08 -14.70
CA LYS A 312 8.41 1.77 -15.66
C LYS A 312 8.14 0.90 -16.89
N ALA A 313 9.16 0.22 -17.41
CA ALA A 313 8.95 -0.65 -18.55
C ALA A 313 7.96 -1.77 -18.21
N ALA A 314 8.09 -2.32 -17.00
CA ALA A 314 7.18 -3.34 -16.54
C ALA A 314 5.75 -2.80 -16.45
N TYR A 315 5.62 -1.60 -15.88
CA TYR A 315 4.33 -0.95 -15.77
C TYR A 315 3.68 -0.78 -17.13
N LEU A 316 4.43 -0.23 -18.09
CA LEU A 316 3.90 0.00 -19.43
C LEU A 316 3.59 -1.29 -20.16
N ALA A 317 4.37 -2.33 -19.91
CA ALA A 317 4.18 -3.63 -20.55
C ALA A 317 2.79 -4.17 -20.24
N ARG A 318 2.32 -3.94 -19.03
CA ARG A 318 1.05 -4.50 -18.57
C ARG A 318 -0.12 -3.50 -18.65
N ALA A 319 0.17 -2.21 -18.51
CA ALA A 319 -0.86 -1.19 -18.55
C ALA A 319 -1.06 -0.58 -19.94
N GLY A 320 -0.08 -0.74 -20.82
CA GLY A 320 -0.24 -0.31 -22.19
C GLY A 320 -0.41 1.19 -22.33
N ALA A 321 -1.15 1.62 -23.35
CA ALA A 321 -1.31 3.04 -23.63
C ALA A 321 -1.92 3.80 -22.46
N GLN A 322 -2.84 3.16 -21.73
CA GLN A 322 -3.47 3.83 -20.59
C GLN A 322 -2.41 4.12 -19.51
N GLY A 323 -1.44 3.24 -19.38
CA GLY A 323 -0.32 3.47 -18.48
C GLY A 323 0.53 4.64 -18.94
N GLN A 324 0.80 4.72 -20.24
CA GLN A 324 1.47 5.88 -20.77
C GLN A 324 0.72 7.17 -20.42
N GLU A 325 -0.60 7.12 -20.50
CA GLU A 325 -1.46 8.26 -20.20
C GLU A 325 -1.28 8.70 -18.73
N LEU A 326 -1.23 7.73 -17.83
CA LEU A 326 -1.07 8.03 -16.40
C LEU A 326 0.36 8.52 -16.09
N ILE A 327 1.37 7.95 -16.73
CA ILE A 327 2.75 8.46 -16.60
C ILE A 327 2.80 9.93 -16.99
N LYS A 328 2.21 10.26 -18.13
CA LYS A 328 2.16 11.64 -18.60
C LYS A 328 1.44 12.55 -17.60
N LEU A 329 0.27 12.13 -17.11
CA LEU A 329 -0.49 12.90 -16.14
C LEU A 329 0.32 13.11 -14.85
N TYR A 330 0.99 12.05 -14.40
CA TYR A 330 1.87 12.16 -13.23
C TYR A 330 2.97 13.18 -13.45
N GLU A 331 3.61 13.12 -14.60
CA GLU A 331 4.72 14.03 -14.88
C GLU A 331 4.25 15.47 -14.90
N GLU A 332 3.10 15.71 -15.52
CA GLU A 332 2.52 17.06 -15.60
C GLU A 332 2.18 17.60 -14.23
N GLU A 333 1.55 16.76 -13.41
CA GLU A 333 1.12 17.19 -12.08
C GLU A 333 2.30 17.34 -11.13
N TYR A 334 3.27 16.44 -11.23
CA TYR A 334 4.48 16.53 -10.41
C TYR A 334 5.20 17.84 -10.69
N ALA A 335 5.30 18.18 -11.96
CA ALA A 335 5.99 19.41 -12.38
C ALA A 335 5.27 20.62 -11.83
N ARG A 336 3.94 20.62 -11.91
CA ARG A 336 3.14 21.73 -11.40
C ARG A 336 3.27 21.86 -9.88
N ILE A 337 3.21 20.73 -9.20
CA ILE A 337 3.15 20.69 -7.73
C ILE A 337 4.52 20.85 -7.09
N VAL A 338 5.49 20.15 -7.65
CA VAL A 338 6.80 20.01 -7.04
C VAL A 338 7.80 20.87 -7.82
CL CL B . -2.14 -11.45 1.12
C1 PGE C . -0.48 -9.15 -10.69
O1 PGE C . -0.30 -9.19 -12.07
C2 PGE C . -1.58 -10.10 -10.35
O2 PGE C . -1.91 -10.06 -9.01
C3 PGE C . -2.89 -10.97 -8.59
C4 PGE C . -4.23 -10.46 -8.99
O4 PGE C . -7.19 -10.94 -12.20
C6 PGE C . -6.01 -11.19 -11.53
C5 PGE C . -6.22 -11.05 -10.07
O3 PGE C . -5.07 -11.45 -9.42
H1 PGE C . 0.35 -9.42 -10.25
H12 PGE C . -0.72 -8.25 -10.41
HO1 PGE C . 0.49 -8.82 -12.27
H2 PGE C . -1.29 -11.00 -10.57
H22 PGE C . -2.36 -9.88 -10.88
H3 PGE C . -2.84 -11.07 -7.62
H32 PGE C . -2.72 -11.83 -9.01
H4 PGE C . -4.63 -10.00 -8.23
H42 PGE C . -4.11 -9.83 -9.71
HO4 PGE C . -7.04 -10.93 -13.07
H6 PGE C . -5.33 -10.55 -11.83
H62 PGE C . -5.71 -12.09 -11.72
H5 PGE C . -6.98 -11.58 -9.77
H52 PGE C . -6.38 -10.11 -9.87
N1 ORO D . 1.84 -4.36 4.29
C2 ORO D . 1.13 -3.37 4.86
O2 ORO D . 1.68 -2.51 5.57
N3 ORO D . -0.22 -3.30 4.66
C4 ORO D . -0.83 -4.18 3.86
O4 ORO D . -2.05 -4.03 3.71
C5 ORO D . -0.12 -5.19 3.26
C6 ORO D . 1.22 -5.29 3.52
C7 ORO D . 2.06 -6.36 2.91
O71 ORO D . 1.50 -7.31 2.26
O72 ORO D . 3.32 -6.30 3.02
#